data_6D8L
#
_entry.id   6D8L
#
_cell.length_a   75.480
_cell.length_b   132.950
_cell.length_c   147.540
_cell.angle_alpha   90.000
_cell.angle_beta   90.000
_cell.angle_gamma   90.000
#
_symmetry.space_group_name_H-M   'P 21 21 21'
#
loop_
_entity.id
_entity.type
_entity.pdbx_description
1 polymer 'Group I self-splicing intron'
2 non-polymer 'MAGNESIUM ION'
3 water water
#
_entity_poly.entity_id   1
_entity_poly.type   'polyribonucleotide'
_entity_poly.pdbx_seq_one_letter_code
;GAAUUGCGGGAAAGGGGUCAACAGCCGUACAGUACCAAGUCUCAGGGGAAACUUUGAGAUGGCCUUGCAAAGGGUAUGGU
AAUAAGCUGACGGACAUGGUCCUAACCACGCAGCCAAGUCCUAAGUCAACAGAUCUUCUGUUGAUAUGGAUGCAGUUC
;
_entity_poly.pdbx_strand_id   A,B
#